data_4K02
#
_entry.id   4K02
#
_cell.length_a   99.529
_cell.length_b   99.529
_cell.length_c   61.257
_cell.angle_alpha   90.00
_cell.angle_beta   90.00
_cell.angle_gamma   120.00
#
_symmetry.space_group_name_H-M   'P 31 2 1'
#
loop_
_entity.id
_entity.type
_entity.pdbx_description
1 polymer '1,4-dihydroxy-2-naphthoyl-CoA thioesterase'
2 water water
#
_entity_poly.entity_id   1
_entity_poly.type   'polypeptide(L)'
_entity_poly.pdbx_seq_one_letter_code
;GSHMDSASSNTKAIDPPLHMLGFEFDELSPTRITGRLPVSPVCCQPFKVLHGGVSALIAESLASMGAHMASGFKRVAGIQ
LSINHLKSADLGDLVFAEATPVSTGKTIQVWEVKLWKTTQKDKANKILISSSRVTLICNLPIPDNAKDAANMLKMVAKL
;
_entity_poly.pdbx_strand_id   A,B
#
# COMPACT_ATOMS: atom_id res chain seq x y z
N ALA A 13 -9.55 14.38 5.76
CA ALA A 13 -10.49 13.26 5.48
C ALA A 13 -10.96 13.38 4.04
N ILE A 14 -10.01 13.60 3.13
CA ILE A 14 -10.24 13.40 1.69
C ILE A 14 -9.68 12.06 1.23
N ASP A 15 -8.89 11.41 2.10
CA ASP A 15 -8.53 10.00 1.95
C ASP A 15 -8.70 9.31 3.31
N PRO A 16 -9.82 8.60 3.53
CA PRO A 16 -10.14 8.24 4.91
C PRO A 16 -9.18 7.28 5.62
N PRO A 17 -8.64 6.30 4.91
CA PRO A 17 -7.72 5.42 5.63
C PRO A 17 -6.41 6.09 6.03
N LEU A 18 -5.91 6.97 5.17
CA LEU A 18 -4.74 7.81 5.50
C LEU A 18 -5.01 8.78 6.63
N HIS A 19 -6.22 9.32 6.67
CA HIS A 19 -6.53 10.24 7.73
C HIS A 19 -6.48 9.51 9.08
N MET A 20 -6.99 8.30 9.12
CA MET A 20 -7.07 7.51 10.33
C MET A 20 -5.69 7.05 10.81
N LEU A 21 -4.76 6.98 9.91
CA LEU A 21 -3.38 6.62 10.22
C LEU A 21 -2.58 7.83 10.70
N GLY A 22 -3.17 9.03 10.65
CA GLY A 22 -2.45 10.23 11.06
C GLY A 22 -1.77 11.02 9.95
N PHE A 23 -2.04 10.73 8.70
CA PHE A 23 -1.45 11.47 7.59
C PHE A 23 -2.04 12.88 7.52
N GLU A 24 -1.23 13.92 7.29
CA GLU A 24 -1.76 15.25 6.99
C GLU A 24 -1.31 15.78 5.64
N PHE A 25 -2.25 16.17 4.79
CA PHE A 25 -1.91 16.70 3.47
C PHE A 25 -1.35 18.11 3.65
N ASP A 26 -0.45 18.51 2.77
CA ASP A 26 0.08 19.86 2.84
C ASP A 26 -0.22 20.63 1.55
N GLU A 27 0.48 20.34 0.46
CA GLU A 27 0.33 21.12 -0.76
C GLU A 27 -0.41 20.31 -1.81
N LEU A 28 -1.33 20.94 -2.53
CA LEU A 28 -1.91 20.28 -3.73
C LEU A 28 -1.81 21.23 -4.94
N SER A 29 -1.30 20.72 -6.04
CA SER A 29 -1.15 21.48 -7.29
C SER A 29 -1.00 20.44 -8.40
N PRO A 30 -1.15 20.88 -9.66
CA PRO A 30 -1.12 19.85 -10.69
C PRO A 30 0.27 19.23 -10.93
N THR A 31 1.32 19.80 -10.32
CA THR A 31 2.66 19.19 -10.46
C THR A 31 3.29 18.68 -9.16
N ARG A 32 2.61 18.79 -8.03
CA ARG A 32 3.20 18.45 -6.74
C ARG A 32 2.14 18.31 -5.67
N ILE A 33 2.20 17.18 -4.98
CA ILE A 33 1.35 16.92 -3.81
C ILE A 33 2.27 16.52 -2.66
N THR A 34 2.06 17.09 -1.49
CA THR A 34 2.89 16.73 -0.36
C THR A 34 2.02 16.48 0.86
N GLY A 35 2.63 15.78 1.82
CA GLY A 35 2.15 15.81 3.20
C GLY A 35 3.09 15.08 4.13
N ARG A 36 2.61 14.83 5.33
CA ARG A 36 3.44 14.28 6.40
C ARG A 36 2.72 13.25 7.23
N LEU A 37 3.49 12.33 7.79
CA LEU A 37 2.99 11.30 8.68
C LEU A 37 3.92 11.09 9.88
N PRO A 38 3.46 11.41 11.09
CA PRO A 38 4.21 10.94 12.28
C PRO A 38 4.21 9.40 12.31
N VAL A 39 5.34 8.76 12.54
CA VAL A 39 5.35 7.31 12.61
C VAL A 39 4.88 6.90 14.00
N SER A 40 3.59 6.62 14.14
CA SER A 40 2.98 6.35 15.45
C SER A 40 2.70 4.84 15.46
N PRO A 41 2.28 4.27 16.60
CA PRO A 41 2.08 2.83 16.70
C PRO A 41 1.11 2.25 15.67
N VAL A 42 0.05 2.99 15.33
CA VAL A 42 -0.91 2.53 14.33
C VAL A 42 -0.33 2.33 12.92
N CYS A 43 0.83 2.96 12.65
CA CYS A 43 1.51 2.96 11.36
C CYS A 43 2.61 1.91 11.26
N CYS A 44 2.82 1.15 12.32
CA CYS A 44 4.00 0.29 12.43
C CYS A 44 3.69 -1.18 12.18
N GLN A 45 4.60 -1.85 11.47
CA GLN A 45 4.70 -3.30 11.52
C GLN A 45 5.46 -3.67 12.79
N PRO A 46 5.34 -4.91 13.26
CA PRO A 46 5.39 -5.08 14.71
C PRO A 46 6.77 -4.90 15.37
N PHE A 47 7.81 -4.68 14.58
CA PHE A 47 9.11 -4.40 15.17
C PHE A 47 9.33 -2.89 15.42
N LYS A 48 8.26 -2.11 15.53
CA LYS A 48 8.39 -0.67 15.73
C LYS A 48 9.09 0.06 14.60
N VAL A 49 8.84 -0.40 13.38
CA VAL A 49 9.18 0.38 12.20
C VAL A 49 7.93 0.61 11.38
N LEU A 50 7.95 1.67 10.58
CA LEU A 50 6.87 2.02 9.69
C LEU A 50 6.57 0.84 8.77
N HIS A 51 5.28 0.55 8.63
CA HIS A 51 4.74 -0.53 7.80
C HIS A 51 4.99 -0.20 6.34
N GLY A 52 5.64 -1.10 5.60
CA GLY A 52 5.83 -0.89 4.19
C GLY A 52 4.54 -0.70 3.39
N GLY A 53 3.48 -1.33 3.89
CA GLY A 53 2.16 -1.20 3.28
C GLY A 53 1.58 0.19 3.42
N VAL A 54 1.92 0.85 4.52
CA VAL A 54 1.55 2.23 4.72
C VAL A 54 2.27 3.15 3.74
N SER A 55 3.55 2.91 3.49
CA SER A 55 4.27 3.66 2.47
C SER A 55 3.61 3.47 1.09
N ALA A 56 3.25 2.25 0.77
CA ALA A 56 2.50 1.97 -0.46
C ALA A 56 1.17 2.68 -0.58
N LEU A 57 0.44 2.67 0.54
CA LEU A 57 -0.87 3.32 0.61
C LEU A 57 -0.73 4.84 0.39
N ILE A 58 0.32 5.42 0.95
CA ILE A 58 0.65 6.83 0.69
C ILE A 58 0.96 7.15 -0.76
N ALA A 59 1.78 6.31 -1.38
CA ALA A 59 2.11 6.47 -2.78
C ALA A 59 0.86 6.42 -3.63
N GLU A 60 0.02 5.40 -3.42
CA GLU A 60 -1.17 5.32 -4.24
C GLU A 60 -2.06 6.54 -4.06
N SER A 61 -2.26 6.97 -2.82
CA SER A 61 -3.20 8.04 -2.52
C SER A 61 -2.74 9.34 -3.19
N LEU A 62 -1.47 9.70 -2.97
CA LEU A 62 -0.97 10.99 -3.41
C LEU A 62 -0.87 11.04 -4.95
N ALA A 63 -0.46 9.93 -5.54
CA ALA A 63 -0.37 9.86 -7.01
C ALA A 63 -1.73 10.03 -7.65
N SER A 64 -2.73 9.41 -7.01
CA SER A 64 -4.08 9.52 -7.48
C SER A 64 -4.69 10.92 -7.35
N MET A 65 -4.44 11.57 -6.22
N MET A 65 -4.44 11.57 -6.22
CA MET A 65 -4.83 12.96 -6.03
CA MET A 65 -4.86 12.95 -6.05
C MET A 65 -4.18 13.84 -7.09
C MET A 65 -4.18 13.85 -7.10
N GLY A 66 -2.89 13.65 -7.33
CA GLY A 66 -2.15 14.37 -8.36
C GLY A 66 -2.76 14.20 -9.75
N ALA A 67 -2.98 12.96 -10.13
CA ALA A 67 -3.56 12.66 -11.43
C ALA A 67 -4.93 13.25 -11.63
N HIS A 68 -5.71 13.28 -10.55
CA HIS A 68 -7.09 13.74 -10.59
C HIS A 68 -7.01 15.24 -10.82
N MET A 69 -6.08 15.89 -10.14
CA MET A 69 -5.85 17.29 -10.39
C MET A 69 -5.27 17.61 -11.76
N ALA A 70 -4.23 16.89 -12.16
CA ALA A 70 -3.55 17.17 -13.42
C ALA A 70 -4.42 16.84 -14.61
N SER A 71 -5.44 16.01 -14.41
CA SER A 71 -6.34 15.67 -15.52
C SER A 71 -7.55 16.59 -15.62
N GLY A 72 -7.65 17.57 -14.72
CA GLY A 72 -8.82 18.43 -14.72
C GLY A 72 -10.04 17.78 -14.07
N PHE A 73 -9.80 16.95 -13.06
CA PHE A 73 -10.82 16.26 -12.28
C PHE A 73 -11.59 15.20 -13.05
N LYS A 74 -10.92 14.54 -13.98
CA LYS A 74 -11.52 13.36 -14.60
C LYS A 74 -11.35 12.18 -13.65
N ARG A 75 -12.03 11.07 -13.94
CA ARG A 75 -11.90 9.91 -13.07
C ARG A 75 -10.57 9.27 -13.40
N VAL A 76 -9.84 8.86 -12.37
CA VAL A 76 -8.55 8.24 -12.59
C VAL A 76 -8.52 6.96 -11.80
N ALA A 77 -7.75 5.98 -12.24
CA ALA A 77 -7.58 4.75 -11.45
C ALA A 77 -6.12 4.30 -11.59
N GLY A 78 -5.50 4.03 -10.44
CA GLY A 78 -4.22 3.39 -10.33
C GLY A 78 -4.33 2.00 -10.93
N ILE A 79 -3.50 1.69 -11.93
CA ILE A 79 -3.41 0.32 -12.41
C ILE A 79 -2.10 -0.44 -12.15
N GLN A 80 -1.08 0.27 -11.68
CA GLN A 80 0.16 -0.42 -11.32
C GLN A 80 0.94 0.49 -10.41
N LEU A 81 1.50 -0.15 -9.38
CA LEU A 81 2.37 0.51 -8.43
C LEU A 81 3.64 -0.34 -8.23
N SER A 82 4.78 0.33 -8.27
CA SER A 82 6.08 -0.28 -8.02
C SER A 82 6.72 0.58 -6.96
N ILE A 83 7.12 -0.04 -5.85
CA ILE A 83 7.71 0.71 -4.74
C ILE A 83 8.97 -0.01 -4.30
N ASN A 84 10.04 0.78 -4.15
CA ASN A 84 11.27 0.39 -3.49
C ASN A 84 11.34 0.90 -2.04
N HIS A 85 11.51 -0.02 -1.10
CA HIS A 85 11.78 0.33 0.28
C HIS A 85 13.27 0.33 0.49
N LEU A 86 13.81 1.51 0.74
CA LEU A 86 15.28 1.71 0.79
C LEU A 86 15.85 1.62 2.19
N LYS A 87 15.11 2.14 3.17
CA LYS A 87 15.56 2.25 4.54
C LYS A 87 14.30 2.17 5.39
N SER A 88 14.45 1.75 6.63
CA SER A 88 13.30 1.74 7.51
C SER A 88 13.13 3.09 8.21
N ALA A 89 11.95 3.31 8.77
CA ALA A 89 11.74 4.41 9.68
C ALA A 89 11.21 3.88 11.01
N ASP A 90 11.67 4.51 12.09
CA ASP A 90 11.33 4.04 13.41
C ASP A 90 10.15 4.79 13.98
N LEU A 91 9.48 4.11 14.89
CA LEU A 91 8.46 4.70 15.74
C LEU A 91 9.03 5.99 16.29
N GLY A 92 8.29 7.09 16.18
CA GLY A 92 8.77 8.38 16.68
C GLY A 92 9.38 9.26 15.61
N ASP A 93 9.81 8.67 14.49
CA ASP A 93 10.23 9.48 13.35
C ASP A 93 9.07 10.21 12.69
N LEU A 94 9.39 11.18 11.85
CA LEU A 94 8.41 11.89 11.03
C LEU A 94 8.72 11.63 9.55
N VAL A 95 7.69 11.24 8.80
CA VAL A 95 7.82 10.96 7.37
C VAL A 95 7.19 12.09 6.55
N PHE A 96 7.92 12.50 5.52
CA PHE A 96 7.49 13.50 4.58
C PHE A 96 7.30 12.83 3.22
N ALA A 97 6.22 13.16 2.53
CA ALA A 97 5.92 12.55 1.26
C ALA A 97 5.74 13.60 0.17
N GLU A 98 6.23 13.30 -1.04
CA GLU A 98 6.09 14.21 -2.15
C GLU A 98 5.83 13.42 -3.44
N ALA A 99 4.73 13.75 -4.10
CA ALA A 99 4.38 13.16 -5.38
C ALA A 99 4.48 14.21 -6.48
N THR A 100 5.16 13.84 -7.57
CA THR A 100 5.28 14.70 -8.73
C THR A 100 5.16 13.85 -10.00
N PRO A 101 4.79 14.49 -11.12
CA PRO A 101 4.46 13.71 -12.32
C PRO A 101 5.74 13.37 -13.01
N VAL A 102 5.84 12.16 -13.53
CA VAL A 102 6.91 11.84 -14.43
C VAL A 102 6.48 12.02 -15.88
N SER A 103 5.23 11.65 -16.15
CA SER A 103 4.65 11.78 -17.49
C SER A 103 3.15 12.05 -17.35
N THR A 104 2.64 13.04 -18.06
CA THR A 104 1.20 13.24 -18.08
C THR A 104 0.76 13.29 -19.52
N GLY A 105 0.02 12.29 -19.95
CA GLY A 105 -0.74 12.35 -21.19
C GLY A 105 -2.22 12.30 -20.87
N LYS A 106 -3.02 12.13 -21.92
CA LYS A 106 -4.47 12.19 -21.84
C LYS A 106 -5.04 10.92 -21.22
N THR A 107 -4.35 9.80 -21.47
CA THR A 107 -4.86 8.52 -21.05
C THR A 107 -4.06 7.96 -19.87
N ILE A 108 -2.73 8.02 -19.96
CA ILE A 108 -1.85 7.45 -18.92
C ILE A 108 -1.09 8.58 -18.24
N GLN A 109 -1.09 8.56 -16.91
CA GLN A 109 -0.18 9.38 -16.13
C GLN A 109 0.71 8.48 -15.28
N VAL A 110 1.98 8.87 -15.15
CA VAL A 110 2.92 8.19 -14.28
C VAL A 110 3.44 9.25 -13.28
N TRP A 111 3.27 8.93 -12.00
CA TRP A 111 3.68 9.79 -10.89
C TRP A 111 4.77 9.10 -10.08
N GLU A 112 5.71 9.91 -9.61
CA GLU A 112 6.73 9.42 -8.67
C GLU A 112 6.41 9.91 -7.27
N VAL A 113 6.51 9.03 -6.26
CA VAL A 113 6.27 9.44 -4.88
C VAL A 113 7.51 9.08 -4.05
N LYS A 114 8.15 10.09 -3.47
CA LYS A 114 9.29 9.90 -2.56
C LYS A 114 8.85 10.10 -1.12
N LEU A 115 9.31 9.19 -0.25
CA LEU A 115 9.18 9.33 1.19
C LEU A 115 10.56 9.54 1.81
N TRP A 116 10.63 10.51 2.75
CA TRP A 116 11.83 10.79 3.55
C TRP A 116 11.42 10.71 5.01
N LYS A 117 12.40 10.44 5.86
CA LYS A 117 12.20 10.55 7.30
C LYS A 117 13.16 11.60 7.90
N THR A 118 12.71 12.22 8.98
CA THR A 118 13.60 12.84 9.98
C THR A 118 13.34 12.18 11.35
N THR A 119 14.26 12.34 12.29
CA THR A 119 14.19 11.61 13.55
C THR A 119 14.11 12.60 14.72
N GLN A 120 13.93 12.08 15.93
CA GLN A 120 13.93 12.94 17.12
C GLN A 120 15.29 13.61 17.23
N LYS A 121 16.34 12.79 17.18
CA LYS A 121 17.71 13.26 17.33
C LYS A 121 18.09 14.25 16.22
N ASP A 122 17.82 13.89 14.98
CA ASP A 122 18.18 14.72 13.83
C ASP A 122 16.94 15.12 13.03
N LYS A 123 16.53 16.38 13.17
CA LYS A 123 15.29 16.87 12.57
C LYS A 123 15.52 17.74 11.34
N ALA A 124 16.77 18.09 11.07
CA ALA A 124 17.14 18.92 9.93
C ALA A 124 17.22 18.07 8.66
N ASN A 125 17.73 16.86 8.83
CA ASN A 125 18.25 16.08 7.70
C ASN A 125 17.24 15.05 7.22
N LYS A 126 16.64 15.32 6.06
CA LYS A 126 15.68 14.39 5.47
C LYS A 126 16.41 13.23 4.83
N ILE A 127 16.07 11.99 5.20
CA ILE A 127 16.75 10.79 4.70
C ILE A 127 15.73 10.04 3.84
N LEU A 128 16.07 9.75 2.59
CA LEU A 128 15.11 9.09 1.69
C LEU A 128 14.88 7.64 2.14
N ILE A 129 13.65 7.18 2.30
CA ILE A 129 13.39 5.82 2.76
C ILE A 129 12.65 4.95 1.72
N SER A 130 11.98 5.60 0.77
CA SER A 130 11.10 4.90 -0.15
C SER A 130 10.97 5.73 -1.42
N SER A 131 10.85 5.05 -2.54
CA SER A 131 10.57 5.70 -3.79
C SER A 131 9.64 4.80 -4.60
N SER A 132 8.64 5.43 -5.21
CA SER A 132 7.55 4.71 -5.89
C SER A 132 7.20 5.33 -7.24
N ARG A 133 6.78 4.48 -8.17
CA ARG A 133 6.20 4.93 -9.44
C ARG A 133 4.79 4.34 -9.57
N VAL A 134 3.80 5.19 -9.83
CA VAL A 134 2.39 4.77 -9.87
C VAL A 134 1.89 5.10 -11.27
N THR A 135 1.25 4.11 -11.89
CA THR A 135 0.75 4.24 -13.24
C THR A 135 -0.75 4.32 -13.10
N LEU A 136 -1.32 5.37 -13.69
CA LEU A 136 -2.76 5.59 -13.64
C LEU A 136 -3.40 5.78 -15.01
N ILE A 137 -4.62 5.29 -15.15
CA ILE A 137 -5.41 5.51 -16.35
C ILE A 137 -6.48 6.54 -15.97
N CYS A 138 -6.70 7.44 -16.91
CA CYS A 138 -7.48 8.66 -16.66
C CYS A 138 -8.63 8.67 -17.66
N ASN A 139 -9.77 9.24 -17.25
CA ASN A 139 -10.97 9.20 -18.09
C ASN A 139 -11.16 7.84 -18.77
N ALA B 13 -4.56 -7.48 16.15
CA ALA B 13 -4.00 -6.11 16.25
C ALA B 13 -2.49 -6.14 16.42
N ILE B 14 -1.81 -7.07 15.74
CA ILE B 14 -0.34 -7.05 15.61
C ILE B 14 0.11 -6.53 14.23
N ASP B 15 -0.83 -6.44 13.29
CA ASP B 15 -0.74 -5.54 12.14
C ASP B 15 -1.83 -4.48 12.30
N PRO B 16 -1.51 -3.35 12.95
CA PRO B 16 -2.62 -2.48 13.32
C PRO B 16 -3.38 -1.91 12.11
N PRO B 17 -2.69 -1.54 11.04
CA PRO B 17 -3.39 -1.07 9.83
C PRO B 17 -4.39 -2.07 9.29
N LEU B 18 -3.99 -3.34 9.21
CA LEU B 18 -4.94 -4.36 8.77
C LEU B 18 -6.12 -4.51 9.72
N HIS B 19 -5.84 -4.44 11.01
CA HIS B 19 -6.90 -4.50 12.01
C HIS B 19 -7.86 -3.34 11.81
N MET B 20 -7.30 -2.16 11.57
CA MET B 20 -8.09 -0.95 11.45
C MET B 20 -9.03 -1.04 10.24
N LEU B 21 -8.58 -1.74 9.22
CA LEU B 21 -9.34 -1.82 7.99
C LEU B 21 -10.40 -2.92 8.06
N GLY B 22 -10.34 -3.76 9.09
CA GLY B 22 -11.31 -4.84 9.21
C GLY B 22 -10.91 -6.11 8.50
N PHE B 23 -9.62 -6.29 8.27
CA PHE B 23 -9.14 -7.50 7.66
C PHE B 23 -9.24 -8.66 8.63
N GLU B 24 -9.63 -9.84 8.16
CA GLU B 24 -9.67 -11.01 9.03
C GLU B 24 -8.91 -12.22 8.47
N PHE B 25 -7.98 -12.73 9.27
CA PHE B 25 -7.09 -13.78 8.81
C PHE B 25 -7.85 -15.09 8.80
N ASP B 26 -7.51 -15.98 7.87
CA ASP B 26 -8.16 -17.26 7.84
C ASP B 26 -7.09 -18.30 8.15
N GLU B 27 -6.17 -18.49 7.22
CA GLU B 27 -5.12 -19.49 7.38
C GLU B 27 -3.74 -18.83 7.40
N LEU B 28 -2.88 -19.27 8.32
CA LEU B 28 -1.47 -18.92 8.33
C LEU B 28 -0.66 -20.20 8.28
N SER B 29 0.25 -20.28 7.32
CA SER B 29 1.25 -21.33 7.23
C SER B 29 2.40 -20.79 6.37
N PRO B 30 3.56 -21.45 6.45
CA PRO B 30 4.78 -21.03 5.73
C PRO B 30 4.62 -21.09 4.23
N THR B 31 3.57 -21.73 3.74
CA THR B 31 3.36 -21.80 2.30
C THR B 31 2.11 -21.09 1.80
N ARG B 32 1.30 -20.54 2.71
CA ARG B 32 0.01 -19.96 2.37
C ARG B 32 -0.59 -19.17 3.50
N ILE B 33 -0.98 -17.94 3.20
CA ILE B 33 -1.66 -17.06 4.15
C ILE B 33 -2.90 -16.60 3.42
N THR B 34 -4.08 -16.77 4.03
CA THR B 34 -5.28 -16.18 3.46
C THR B 34 -6.01 -15.31 4.47
N GLY B 35 -6.88 -14.45 3.96
CA GLY B 35 -7.93 -13.86 4.78
C GLY B 35 -8.89 -13.09 3.91
N ARG B 36 -9.72 -12.27 4.57
CA ARG B 36 -10.81 -11.55 3.92
C ARG B 36 -10.99 -10.14 4.46
N LEU B 37 -11.54 -9.29 3.61
CA LEU B 37 -11.80 -7.88 3.91
C LEU B 37 -13.17 -7.47 3.36
N PRO B 38 -14.14 -7.21 4.23
CA PRO B 38 -15.35 -6.55 3.71
C PRO B 38 -14.92 -5.18 3.22
N VAL B 39 -15.40 -4.76 2.05
CA VAL B 39 -15.04 -3.43 1.53
C VAL B 39 -15.97 -2.40 2.16
N SER B 40 -15.46 -1.77 3.22
CA SER B 40 -16.22 -0.83 4.02
C SER B 40 -15.74 0.57 3.69
N PRO B 41 -16.43 1.60 4.20
CA PRO B 41 -16.06 2.97 3.85
C PRO B 41 -14.61 3.32 4.12
N VAL B 42 -14.06 2.83 5.22
CA VAL B 42 -12.66 3.11 5.55
C VAL B 42 -11.70 2.54 4.52
N CYS B 43 -12.15 1.57 3.72
CA CYS B 43 -11.33 0.90 2.72
C CYS B 43 -11.34 1.59 1.35
N CYS B 44 -12.16 2.63 1.21
CA CYS B 44 -12.48 3.16 -0.10
C CYS B 44 -11.68 4.43 -0.40
N GLN B 45 -11.33 4.56 -1.68
CA GLN B 45 -11.04 5.86 -2.29
C GLN B 45 -12.35 6.48 -2.77
N PRO B 46 -12.34 7.79 -3.02
CA PRO B 46 -13.58 8.56 -2.87
C PRO B 46 -14.72 8.25 -3.83
N PHE B 47 -14.52 7.38 -4.81
CA PHE B 47 -15.62 6.99 -5.69
C PHE B 47 -16.40 5.77 -5.18
N LYS B 48 -16.31 5.47 -3.89
CA LYS B 48 -16.88 4.24 -3.33
C LYS B 48 -16.36 2.95 -3.98
N VAL B 49 -15.08 2.96 -4.30
CA VAL B 49 -14.38 1.73 -4.67
C VAL B 49 -13.20 1.53 -3.72
N LEU B 50 -12.78 0.28 -3.58
CA LEU B 50 -11.61 -0.10 -2.80
C LEU B 50 -10.37 0.68 -3.23
N HIS B 51 -9.66 1.22 -2.24
CA HIS B 51 -8.45 2.01 -2.43
C HIS B 51 -7.33 1.09 -2.94
N GLY B 52 -6.72 1.40 -4.09
CA GLY B 52 -5.61 0.56 -4.54
C GLY B 52 -4.50 0.46 -3.51
N GLY B 53 -4.37 1.49 -2.68
CA GLY B 53 -3.36 1.51 -1.60
C GLY B 53 -3.63 0.48 -0.53
N VAL B 54 -4.92 0.15 -0.36
CA VAL B 54 -5.32 -0.84 0.59
C VAL B 54 -4.97 -2.22 0.08
N SER B 55 -5.18 -2.47 -1.21
CA SER B 55 -4.67 -3.72 -1.78
C SER B 55 -3.16 -3.90 -1.61
N ALA B 56 -2.43 -2.82 -1.81
CA ALA B 56 -0.98 -2.81 -1.67
C ALA B 56 -0.55 -3.05 -0.24
N LEU B 57 -1.27 -2.45 0.71
CA LEU B 57 -1.02 -2.65 2.14
C LEU B 57 -1.25 -4.10 2.55
N ILE B 58 -2.33 -4.71 2.06
CA ILE B 58 -2.56 -6.14 2.26
C ILE B 58 -1.44 -7.03 1.74
N ALA B 59 -1.00 -6.73 0.52
CA ALA B 59 0.04 -7.54 -0.13
C ALA B 59 1.30 -7.48 0.70
N GLU B 60 1.70 -6.28 1.08
CA GLU B 60 2.86 -6.17 1.96
C GLU B 60 2.79 -6.89 3.29
N SER B 61 1.64 -6.81 3.98
CA SER B 61 1.47 -7.44 5.25
C SER B 61 1.50 -8.97 5.17
N LEU B 62 0.78 -9.54 4.22
CA LEU B 62 0.63 -11.00 4.20
C LEU B 62 1.96 -11.58 3.74
N ALA B 63 2.61 -10.92 2.77
CA ALA B 63 3.86 -11.46 2.24
C ALA B 63 4.92 -11.44 3.34
N SER B 64 4.94 -10.39 4.15
CA SER B 64 5.89 -10.30 5.23
C SER B 64 5.66 -11.34 6.32
N MET B 65 4.40 -11.61 6.64
CA MET B 65 4.06 -12.67 7.58
C MET B 65 4.48 -14.05 7.06
N GLY B 66 4.18 -14.31 5.79
CA GLY B 66 4.56 -15.54 5.13
C GLY B 66 6.07 -15.76 5.19
N ALA B 67 6.82 -14.75 4.80
CA ALA B 67 8.27 -14.79 4.80
C ALA B 67 8.87 -15.02 6.16
N HIS B 68 8.28 -14.39 7.17
CA HIS B 68 8.73 -14.60 8.55
C HIS B 68 8.59 -16.06 8.90
N MET B 69 7.42 -16.58 8.62
CA MET B 69 7.17 -17.99 8.90
C MET B 69 8.07 -18.93 8.11
N ALA B 70 8.25 -18.66 6.82
CA ALA B 70 9.01 -19.54 5.94
C ALA B 70 10.50 -19.47 6.25
N SER B 71 10.92 -18.43 6.96
CA SER B 71 12.34 -18.22 7.26
C SER B 71 12.76 -18.72 8.64
N GLY B 72 11.84 -19.30 9.39
CA GLY B 72 12.19 -19.79 10.72
C GLY B 72 12.12 -18.63 11.70
N PHE B 73 11.17 -17.73 11.42
CA PHE B 73 10.90 -16.59 12.28
C PHE B 73 12.16 -15.76 12.53
N LYS B 74 13.01 -15.69 11.50
CA LYS B 74 14.09 -14.71 11.42
C LYS B 74 13.50 -13.39 10.91
N ARG B 75 14.30 -12.32 10.98
CA ARG B 75 13.83 -10.98 10.61
C ARG B 75 13.77 -10.84 9.09
N VAL B 76 12.69 -10.29 8.57
CA VAL B 76 12.56 -10.10 7.13
C VAL B 76 12.22 -8.64 6.86
N ALA B 77 12.60 -8.12 5.69
CA ALA B 77 12.12 -6.79 5.30
C ALA B 77 11.76 -6.81 3.80
N GLY B 78 10.57 -6.31 3.49
CA GLY B 78 10.13 -6.03 2.14
C GLY B 78 10.99 -4.96 1.54
N ILE B 79 11.60 -5.24 0.38
CA ILE B 79 12.40 -4.23 -0.29
C ILE B 79 11.81 -3.74 -1.62
N GLN B 80 10.89 -4.49 -2.19
CA GLN B 80 10.25 -4.05 -3.41
C GLN B 80 8.88 -4.67 -3.39
N LEU B 81 7.88 -3.87 -3.81
CA LEU B 81 6.57 -4.39 -4.19
C LEU B 81 6.15 -3.91 -5.57
N SER B 82 5.56 -4.81 -6.33
CA SER B 82 4.99 -4.46 -7.63
C SER B 82 3.59 -5.00 -7.60
N ILE B 83 2.59 -4.14 -7.84
CA ILE B 83 1.20 -4.59 -7.86
C ILE B 83 0.41 -4.16 -9.08
N ASN B 84 -0.41 -5.04 -9.63
CA ASN B 84 -1.27 -4.67 -10.74
C ASN B 84 -2.68 -4.61 -10.20
N HIS B 85 -3.38 -3.51 -10.43
CA HIS B 85 -4.80 -3.41 -10.10
C HIS B 85 -5.57 -3.64 -11.35
N LEU B 86 -6.27 -4.77 -11.36
CA LEU B 86 -6.88 -5.31 -12.56
C LEU B 86 -8.31 -4.84 -12.69
N LYS B 87 -9.05 -4.85 -11.59
CA LYS B 87 -10.44 -4.41 -11.64
C LYS B 87 -10.73 -3.70 -10.34
N SER B 88 -11.74 -2.83 -10.33
CA SER B 88 -12.15 -2.22 -9.06
C SER B 88 -13.07 -3.12 -8.26
N ALA B 89 -13.21 -2.81 -6.99
CA ALA B 89 -14.21 -3.44 -6.15
C ALA B 89 -15.03 -2.35 -5.46
N ASP B 90 -16.32 -2.60 -5.28
CA ASP B 90 -17.21 -1.58 -4.76
C ASP B 90 -17.42 -1.72 -3.26
N LEU B 91 -17.77 -0.59 -2.65
CA LEU B 91 -18.32 -0.56 -1.30
C LEU B 91 -19.36 -1.67 -1.18
N GLY B 92 -19.24 -2.53 -0.17
CA GLY B 92 -20.22 -3.60 0.03
C GLY B 92 -19.80 -4.95 -0.54
N ASP B 93 -18.83 -4.95 -1.45
CA ASP B 93 -18.21 -6.20 -1.90
C ASP B 93 -17.40 -6.87 -0.79
N LEU B 94 -17.00 -8.12 -1.01
CA LEU B 94 -16.11 -8.82 -0.10
C LEU B 94 -14.84 -9.22 -0.83
N VAL B 95 -13.69 -8.90 -0.25
CA VAL B 95 -12.41 -9.22 -0.86
C VAL B 95 -11.77 -10.40 -0.13
N PHE B 96 -11.17 -11.29 -0.92
CA PHE B 96 -10.40 -12.44 -0.45
C PHE B 96 -8.95 -12.27 -0.89
N ALA B 97 -8.02 -12.52 0.02
CA ALA B 97 -6.60 -12.42 -0.25
C ALA B 97 -5.89 -13.77 -0.07
N GLU B 98 -4.93 -14.09 -0.91
CA GLU B 98 -4.13 -15.30 -0.69
C GLU B 98 -2.69 -14.96 -1.04
N ALA B 99 -1.78 -15.19 -0.09
CA ALA B 99 -0.35 -15.05 -0.30
C ALA B 99 0.31 -16.41 -0.37
N THR B 100 1.12 -16.63 -1.40
CA THR B 100 1.93 -17.83 -1.49
C THR B 100 3.32 -17.47 -2.01
N PRO B 101 4.30 -18.33 -1.70
CA PRO B 101 5.66 -18.06 -2.14
C PRO B 101 5.81 -18.40 -3.60
N VAL B 102 6.51 -17.55 -4.33
CA VAL B 102 6.95 -17.85 -5.68
C VAL B 102 8.36 -18.42 -5.61
N SER B 103 9.18 -17.94 -4.70
CA SER B 103 10.55 -18.41 -4.59
C SER B 103 11.03 -18.23 -3.17
N THR B 104 11.59 -19.26 -2.55
CA THR B 104 12.17 -19.06 -1.23
C THR B 104 13.62 -19.52 -1.33
N GLY B 105 14.55 -18.59 -1.16
CA GLY B 105 15.91 -18.94 -0.76
C GLY B 105 16.24 -18.43 0.62
N LYS B 106 17.50 -18.54 1.03
CA LYS B 106 17.95 -18.11 2.35
C LYS B 106 17.99 -16.60 2.48
N THR B 107 18.19 -15.90 1.36
CA THR B 107 18.44 -14.47 1.41
C THR B 107 17.23 -13.74 0.84
N ILE B 108 16.75 -14.18 -0.32
CA ILE B 108 15.66 -13.47 -1.00
C ILE B 108 14.45 -14.39 -1.06
N GLN B 109 13.28 -13.89 -0.66
CA GLN B 109 12.03 -14.59 -0.90
C GLN B 109 11.16 -13.70 -1.78
N VAL B 110 10.39 -14.34 -2.66
CA VAL B 110 9.42 -13.61 -3.47
C VAL B 110 8.06 -14.25 -3.23
N TRP B 111 7.10 -13.43 -2.81
CA TRP B 111 5.73 -13.88 -2.61
C TRP B 111 4.78 -13.28 -3.62
N GLU B 112 3.76 -14.05 -3.95
CA GLU B 112 2.69 -13.52 -4.76
C GLU B 112 1.48 -13.35 -3.86
N VAL B 113 0.82 -12.20 -3.98
CA VAL B 113 -0.45 -11.98 -3.31
C VAL B 113 -1.56 -11.67 -4.30
N LYS B 114 -2.61 -12.49 -4.30
CA LYS B 114 -3.76 -12.30 -5.15
C LYS B 114 -4.95 -11.82 -4.32
N LEU B 115 -5.72 -10.88 -4.86
CA LEU B 115 -7.00 -10.46 -4.29
C LEU B 115 -8.12 -10.73 -5.29
N TRP B 116 -9.23 -11.25 -4.78
CA TRP B 116 -10.45 -11.49 -5.56
C TRP B 116 -11.60 -10.82 -4.84
N LYS B 117 -12.63 -10.44 -5.59
CA LYS B 117 -13.84 -9.90 -4.99
C LYS B 117 -14.99 -10.82 -5.31
N THR B 118 -15.98 -10.78 -4.43
CA THR B 118 -17.34 -11.20 -4.74
C THR B 118 -18.27 -10.04 -4.37
N THR B 119 -19.47 -9.98 -4.94
CA THR B 119 -20.32 -8.79 -4.82
C THR B 119 -21.61 -9.16 -4.06
N GLN B 120 -22.45 -8.16 -3.78
CA GLN B 120 -23.77 -8.45 -3.24
C GLN B 120 -24.54 -9.32 -4.22
N LYS B 121 -24.67 -8.84 -5.45
CA LYS B 121 -25.44 -9.54 -6.47
C LYS B 121 -24.89 -10.94 -6.71
N ASP B 122 -23.60 -11.06 -6.96
CA ASP B 122 -22.96 -12.37 -7.22
C ASP B 122 -21.88 -12.69 -6.18
N LYS B 123 -22.16 -13.67 -5.32
CA LYS B 123 -21.30 -13.99 -4.18
C LYS B 123 -20.44 -15.24 -4.39
N ALA B 124 -20.69 -15.98 -5.46
CA ALA B 124 -20.02 -17.26 -5.71
C ALA B 124 -18.74 -16.99 -6.45
N ASN B 125 -18.84 -16.05 -7.37
CA ASN B 125 -17.89 -15.94 -8.45
C ASN B 125 -16.78 -14.99 -8.03
N LYS B 126 -15.63 -15.56 -7.69
CA LYS B 126 -14.49 -14.78 -7.26
C LYS B 126 -13.86 -14.18 -8.50
N ILE B 127 -13.79 -12.86 -8.54
CA ILE B 127 -13.25 -12.15 -9.67
C ILE B 127 -11.91 -11.56 -9.23
N LEU B 128 -10.85 -11.81 -9.99
CA LEU B 128 -9.51 -11.37 -9.62
C LEU B 128 -9.46 -9.85 -9.84
N ILE B 129 -9.04 -9.10 -8.83
CA ILE B 129 -8.98 -7.65 -8.94
C ILE B 129 -7.56 -7.10 -8.80
N SER B 130 -6.68 -7.88 -8.19
CA SER B 130 -5.33 -7.45 -7.90
C SER B 130 -4.37 -8.61 -7.88
N SER B 131 -3.17 -8.38 -8.38
CA SER B 131 -2.08 -9.34 -8.25
C SER B 131 -0.76 -8.65 -7.98
N SER B 132 -0.02 -9.16 -7.03
CA SER B 132 1.18 -8.52 -6.55
C SER B 132 2.35 -9.50 -6.40
N ARG B 133 3.56 -8.96 -6.57
CA ARG B 133 4.79 -9.66 -6.22
C ARG B 133 5.59 -8.83 -5.22
N VAL B 134 6.00 -9.47 -4.14
CA VAL B 134 6.66 -8.81 -3.04
C VAL B 134 8.01 -9.49 -2.88
N THR B 135 9.07 -8.69 -2.91
CA THR B 135 10.44 -9.15 -2.78
C THR B 135 10.93 -8.79 -1.39
N LEU B 136 11.43 -9.79 -0.66
CA LEU B 136 11.87 -9.60 0.71
C LEU B 136 13.25 -10.16 0.94
N ILE B 137 14.01 -9.45 1.74
CA ILE B 137 15.31 -9.89 2.17
C ILE B 137 15.16 -10.41 3.60
N CYS B 138 15.85 -11.51 3.87
CA CYS B 138 15.58 -12.30 5.07
C CYS B 138 16.93 -12.45 5.77
N ASN B 139 17.02 -11.99 7.01
CA ASN B 139 18.23 -11.33 7.50
C ASN B 139 19.19 -12.36 8.01
#